data_6KXI
#
_entry.id   6KXI
#
_cell.length_a   70.550
_cell.length_b   73.660
_cell.length_c   77.750
_cell.angle_alpha   90.000
_cell.angle_beta   90.000
_cell.angle_gamma   90.000
#
_symmetry.space_group_name_H-M   'P 21 21 21'
#
loop_
_entity.id
_entity.type
_entity.pdbx_description
1 polymer Beta-lactamase
2 non-polymer 'ZINC ION'
3 non-polymer 'SULFATE ION'
4 non-polymer '2,5-dimethyl-4-sulfamoyl-furan-3-carboxylic acid'
5 water water
#
_entity_poly.entity_id   1
_entity_poly.type   'polypeptide(L)'
_entity_poly.pdbx_seq_one_letter_code
;GSHMGEIRPTIGQQMETGDQRFGDLVFRQLAPNVWQHTSYLDMPGFGAVASNGLIVRDGGRVLVVDTAWTDDQTAQILNW
IKQEINLPVALAVVTHAHQDKMGGMDALHAAGIATYANALSNQLAPQEGMVAAQHSLTFAANGWVEPATAPNFGPLKVFY
PGPGHTSDNITVGIDGTDIAFGGCLIKDSKAKSLGNLGDADTEHYAASARAFGAAFPKASMIVMSHSAPDSRAAITHTAR
MADKLR
;
_entity_poly.pdbx_strand_id   A,B
#
loop_
_chem_comp.id
_chem_comp.type
_chem_comp.name
_chem_comp.formula
NO9 non-polymer '2,5-dimethyl-4-sulfamoyl-furan-3-carboxylic acid' 'C7 H9 N O5 S'
SO4 non-polymer 'SULFATE ION' 'O4 S -2'
ZN non-polymer 'ZINC ION' 'Zn 2'
#
# COMPACT_ATOMS: atom_id res chain seq x y z
N GLY A 1 17.68 -6.98 3.39
CA GLY A 1 18.11 -7.96 2.36
C GLY A 1 16.99 -8.93 2.01
N SER A 2 17.19 -9.78 1.02
CA SER A 2 16.16 -10.69 0.46
C SER A 2 15.86 -11.80 1.47
N HIS A 3 14.60 -12.22 1.57
CA HIS A 3 14.18 -13.39 2.38
C HIS A 3 14.83 -14.66 1.85
N MET A 4 15.28 -14.64 0.59
CA MET A 4 15.91 -15.81 -0.09
C MET A 4 17.43 -15.76 0.12
N GLY A 5 17.94 -14.69 0.73
CA GLY A 5 19.37 -14.48 1.02
C GLY A 5 20.16 -14.14 -0.22
N GLU A 16 4.26 -30.84 -19.60
CA GLU A 16 5.63 -31.03 -20.15
C GLU A 16 5.57 -30.99 -21.69
N THR A 17 4.48 -31.48 -22.29
CA THR A 17 4.14 -31.27 -23.72
C THR A 17 3.81 -29.78 -23.93
N GLY A 18 4.37 -29.19 -25.00
CA GLY A 18 4.28 -27.74 -25.27
C GLY A 18 5.39 -26.97 -24.56
N ASP A 19 6.03 -27.57 -23.56
CA ASP A 19 7.13 -26.91 -22.80
C ASP A 19 8.37 -26.88 -23.69
N GLN A 20 9.05 -25.74 -23.76
CA GLN A 20 10.33 -25.58 -24.47
C GLN A 20 11.39 -25.27 -23.42
N ARG A 21 12.45 -26.07 -23.38
CA ARG A 21 13.61 -25.82 -22.50
C ARG A 21 14.54 -24.86 -23.22
N PHE A 22 15.00 -23.83 -22.52
CA PHE A 22 15.97 -22.86 -23.07
C PHE A 22 16.90 -22.44 -21.94
N GLY A 23 18.14 -22.89 -22.00
CA GLY A 23 19.01 -22.96 -20.81
C GLY A 23 18.28 -23.66 -19.68
N ASP A 24 18.29 -23.04 -18.50
CA ASP A 24 17.66 -23.66 -17.30
C ASP A 24 16.22 -23.15 -17.15
N LEU A 25 15.67 -22.48 -18.17
CA LEU A 25 14.28 -21.97 -18.08
C LEU A 25 13.36 -22.81 -18.96
N VAL A 26 12.07 -22.66 -18.73
CA VAL A 26 11.02 -23.34 -19.53
C VAL A 26 10.02 -22.29 -19.99
N PHE A 27 9.63 -22.37 -21.25
CA PHE A 27 8.66 -21.46 -21.89
C PHE A 27 7.52 -22.29 -22.46
N ARG A 28 6.30 -21.80 -22.28
CA ARG A 28 5.08 -22.49 -22.76
C ARG A 28 4.18 -21.45 -23.43
N GLN A 29 3.75 -21.70 -24.64
CA GLN A 29 2.80 -20.78 -25.31
C GLN A 29 1.42 -21.05 -24.74
N LEU A 30 0.74 -20.00 -24.28
CA LEU A 30 -0.62 -20.12 -23.69
C LEU A 30 -1.66 -19.62 -24.68
N ALA A 31 -1.29 -18.74 -25.60
CA ALA A 31 -2.21 -18.12 -26.57
C ALA A 31 -1.34 -17.64 -27.72
N PRO A 32 -1.92 -17.31 -28.90
CA PRO A 32 -1.10 -16.86 -30.01
C PRO A 32 -0.07 -15.79 -29.65
N ASN A 33 -0.41 -14.88 -28.73
CA ASN A 33 0.48 -13.73 -28.39
C ASN A 33 0.91 -13.80 -26.92
N VAL A 34 0.78 -14.95 -26.24
CA VAL A 34 1.13 -15.00 -24.80
C VAL A 34 1.91 -16.25 -24.49
N TRP A 35 2.99 -16.10 -23.76
CA TRP A 35 3.81 -17.24 -23.28
C TRP A 35 4.01 -17.11 -21.77
N GLN A 36 4.17 -18.22 -21.12
CA GLN A 36 4.57 -18.29 -19.71
C GLN A 36 6.06 -18.58 -19.66
N HIS A 37 6.80 -17.78 -18.91
CA HIS A 37 8.21 -18.09 -18.58
C HIS A 37 8.28 -18.72 -17.21
N THR A 38 9.15 -19.70 -17.05
CA THR A 38 9.34 -20.43 -15.77
C THR A 38 10.82 -20.53 -15.47
N SER A 39 11.19 -20.16 -14.25
CA SER A 39 12.57 -20.25 -13.74
C SER A 39 12.54 -20.92 -12.37
N TYR A 40 13.69 -21.43 -11.94
CA TYR A 40 13.77 -22.32 -10.76
C TYR A 40 14.85 -21.81 -9.82
N LEU A 41 14.55 -21.88 -8.53
CA LEU A 41 15.58 -21.64 -7.49
C LEU A 41 15.45 -22.71 -6.40
N ASP A 42 16.58 -23.23 -5.94
CA ASP A 42 16.62 -24.29 -4.90
C ASP A 42 16.35 -23.66 -3.54
N MET A 43 15.22 -23.99 -2.91
CA MET A 43 14.77 -23.41 -1.62
C MET A 43 15.13 -24.37 -0.49
N PRO A 44 16.16 -24.06 0.33
CA PRO A 44 16.81 -25.04 1.19
C PRO A 44 15.84 -26.03 1.87
N GLY A 45 16.05 -27.33 1.62
CA GLY A 45 15.21 -28.42 2.15
C GLY A 45 14.30 -29.00 1.08
N PHE A 46 13.46 -28.16 0.46
CA PHE A 46 12.34 -28.56 -0.43
C PHE A 46 12.80 -28.60 -1.89
N GLY A 47 14.03 -28.14 -2.17
CA GLY A 47 14.63 -28.17 -3.52
C GLY A 47 13.97 -27.14 -4.43
N ALA A 48 13.84 -27.48 -5.72
CA ALA A 48 13.50 -26.55 -6.83
C ALA A 48 12.13 -25.92 -6.57
N VAL A 49 12.06 -24.58 -6.55
CA VAL A 49 10.77 -23.83 -6.56
C VAL A 49 10.66 -23.15 -7.92
N ALA A 50 9.59 -23.44 -8.65
CA ALA A 50 9.25 -22.80 -9.93
C ALA A 50 8.64 -21.43 -9.66
N SER A 51 8.97 -20.47 -10.49
CA SER A 51 8.25 -19.17 -10.55
C SER A 51 7.90 -18.89 -11.99
N ASN A 52 6.66 -18.52 -12.22
CA ASN A 52 6.12 -18.22 -13.57
C ASN A 52 5.87 -16.72 -13.71
N GLY A 53 6.13 -16.23 -14.90
CA GLY A 53 5.65 -14.92 -15.35
C GLY A 53 5.16 -15.01 -16.76
N LEU A 54 4.91 -13.88 -17.39
CA LEU A 54 4.31 -13.87 -18.73
C LEU A 54 5.11 -13.03 -19.70
N ILE A 55 4.96 -13.37 -20.95
CA ILE A 55 5.51 -12.63 -22.12
C ILE A 55 4.36 -12.39 -23.08
N VAL A 56 4.17 -11.16 -23.49
CA VAL A 56 3.03 -10.78 -24.35
C VAL A 56 3.56 -10.08 -25.59
N ARG A 57 3.16 -10.54 -26.76
CA ARG A 57 3.43 -9.82 -28.02
C ARG A 57 2.25 -8.90 -28.29
N ASP A 58 2.54 -7.62 -28.45
CA ASP A 58 1.52 -6.58 -28.70
C ASP A 58 2.00 -5.74 -29.89
N GLY A 59 1.45 -6.03 -31.07
CA GLY A 59 1.95 -5.48 -32.34
C GLY A 59 3.45 -5.71 -32.45
N GLY A 60 4.22 -4.64 -32.61
CA GLY A 60 5.67 -4.73 -32.85
C GLY A 60 6.47 -4.74 -31.56
N ARG A 61 5.82 -4.95 -30.41
CA ARG A 61 6.47 -4.83 -29.08
C ARG A 61 6.28 -6.13 -28.31
N VAL A 62 7.18 -6.38 -27.38
CA VAL A 62 6.97 -7.43 -26.34
C VAL A 62 6.89 -6.76 -24.97
N LEU A 63 5.99 -7.25 -24.15
CA LEU A 63 5.78 -6.77 -22.77
C LEU A 63 6.03 -7.96 -21.85
N VAL A 64 6.75 -7.76 -20.76
CA VAL A 64 7.08 -8.85 -19.81
C VAL A 64 6.40 -8.59 -18.48
N VAL A 65 5.83 -9.63 -17.91
CA VAL A 65 5.31 -9.63 -16.53
C VAL A 65 6.22 -10.50 -15.69
N ASP A 66 6.90 -9.87 -14.74
CA ASP A 66 7.76 -10.48 -13.70
C ASP A 66 9.13 -10.84 -14.28
N THR A 67 10.16 -10.66 -13.46
CA THR A 67 11.49 -11.18 -13.78
C THR A 67 11.52 -12.66 -13.44
N ALA A 68 12.64 -13.30 -13.71
CA ALA A 68 12.97 -14.60 -13.12
C ALA A 68 13.56 -14.38 -11.72
N TRP A 69 13.95 -15.45 -11.05
CA TRP A 69 14.57 -15.32 -9.71
C TRP A 69 15.86 -14.50 -9.76
N THR A 70 16.65 -14.63 -10.81
CA THR A 70 18.00 -14.06 -10.88
C THR A 70 18.20 -13.23 -12.13
N ASP A 71 19.22 -12.39 -12.09
CA ASP A 71 19.65 -11.57 -13.26
C ASP A 71 20.00 -12.52 -14.40
N ASP A 72 20.77 -13.57 -14.15
CA ASP A 72 21.25 -14.44 -15.26
C ASP A 72 20.02 -15.11 -15.91
N GLN A 73 19.07 -15.55 -15.11
CA GLN A 73 17.85 -16.18 -15.67
C GLN A 73 17.04 -15.14 -16.45
N THR A 74 16.96 -13.93 -15.93
CA THR A 74 16.18 -12.88 -16.60
C THR A 74 16.83 -12.51 -17.94
N ALA A 75 18.15 -12.47 -18.01
CA ALA A 75 18.83 -12.25 -19.30
C ALA A 75 18.45 -13.37 -20.27
N GLN A 76 18.28 -14.59 -19.78
CA GLN A 76 17.87 -15.73 -20.64
C GLN A 76 16.43 -15.53 -21.14
N ILE A 77 15.54 -14.92 -20.35
CA ILE A 77 14.20 -14.56 -20.88
C ILE A 77 14.38 -13.63 -22.07
N LEU A 78 15.24 -12.62 -21.95
CA LEU A 78 15.44 -11.67 -23.07
C LEU A 78 16.03 -12.42 -24.28
N ASN A 79 16.94 -13.36 -24.05
CA ASN A 79 17.54 -14.13 -25.17
C ASN A 79 16.45 -14.96 -25.85
N TRP A 80 15.60 -15.62 -25.08
CA TRP A 80 14.52 -16.45 -25.64
C TRP A 80 13.61 -15.55 -26.47
N ILE A 81 13.27 -14.38 -25.97
CA ILE A 81 12.39 -13.45 -26.72
C ILE A 81 13.06 -13.12 -28.07
N LYS A 82 14.35 -12.81 -28.05
CA LYS A 82 15.08 -12.44 -29.29
C LYS A 82 14.95 -13.57 -30.30
N GLN A 83 15.10 -14.81 -29.86
CA GLN A 83 15.07 -15.99 -30.75
C GLN A 83 13.63 -16.25 -31.23
N GLU A 84 12.67 -16.30 -30.33
CA GLU A 84 11.34 -16.89 -30.65
C GLU A 84 10.37 -15.82 -31.15
N ILE A 85 10.58 -14.56 -30.80
CA ILE A 85 9.65 -13.45 -31.17
C ILE A 85 10.39 -12.40 -31.99
N ASN A 86 11.62 -12.05 -31.62
CA ASN A 86 12.45 -11.06 -32.35
C ASN A 86 11.68 -9.75 -32.51
N LEU A 87 11.15 -9.27 -31.40
CA LEU A 87 10.63 -7.89 -31.28
C LEU A 87 11.23 -7.27 -30.03
N PRO A 88 11.43 -5.95 -30.01
CA PRO A 88 12.01 -5.30 -28.84
C PRO A 88 11.08 -5.44 -27.64
N VAL A 89 11.68 -5.57 -26.46
CA VAL A 89 10.94 -5.57 -25.17
C VAL A 89 10.72 -4.11 -24.76
N ALA A 90 9.48 -3.64 -24.84
CA ALA A 90 9.15 -2.23 -24.58
C ALA A 90 9.12 -1.95 -23.08
N LEU A 91 8.67 -2.90 -22.27
CA LEU A 91 8.55 -2.65 -20.82
C LEU A 91 8.38 -3.97 -20.10
N ALA A 92 8.67 -3.94 -18.81
CA ALA A 92 8.36 -5.03 -17.89
C ALA A 92 7.64 -4.45 -16.69
N VAL A 93 6.67 -5.19 -16.21
CA VAL A 93 6.02 -4.86 -14.93
CA VAL A 93 5.91 -4.91 -14.96
C VAL A 93 6.19 -6.05 -13.98
N VAL A 94 6.50 -5.73 -12.75
CA VAL A 94 6.76 -6.78 -11.74
C VAL A 94 5.68 -6.70 -10.67
N THR A 95 5.28 -7.82 -10.12
CA THR A 95 4.00 -7.89 -9.39
C THR A 95 4.14 -7.82 -7.87
N HIS A 96 5.35 -7.85 -7.30
CA HIS A 96 5.63 -7.38 -5.92
C HIS A 96 7.12 -7.55 -5.65
N ALA A 97 7.57 -6.99 -4.52
CA ALA A 97 9.00 -6.95 -4.17
C ALA A 97 9.38 -8.22 -3.43
N HIS A 98 9.44 -9.35 -4.13
CA HIS A 98 10.05 -10.61 -3.65
C HIS A 98 10.96 -11.13 -4.75
N GLN A 99 11.90 -12.00 -4.40
CA GLN A 99 12.97 -12.50 -5.29
CA GLN A 99 12.97 -12.38 -5.35
C GLN A 99 12.39 -13.08 -6.59
N ASP A 100 11.32 -13.86 -6.47
CA ASP A 100 10.77 -14.59 -7.64
C ASP A 100 10.26 -13.62 -8.70
N LYS A 101 9.82 -12.44 -8.29
CA LYS A 101 9.14 -11.48 -9.20
C LYS A 101 10.08 -10.34 -9.61
N MET A 102 11.07 -10.01 -8.78
CA MET A 102 11.87 -8.78 -8.98
CA MET A 102 11.86 -8.77 -8.93
C MET A 102 13.36 -9.09 -8.89
N GLY A 103 13.75 -10.35 -8.71
CA GLY A 103 15.15 -10.70 -8.48
C GLY A 103 16.03 -10.37 -9.66
N GLY A 104 15.46 -10.22 -10.85
CA GLY A 104 16.23 -10.04 -12.09
C GLY A 104 16.17 -8.64 -12.65
N MET A 105 15.80 -7.65 -11.83
CA MET A 105 15.66 -6.25 -12.31
CA MET A 105 15.64 -6.25 -12.30
C MET A 105 16.93 -5.74 -13.00
N ASP A 106 18.10 -6.06 -12.47
CA ASP A 106 19.36 -5.55 -13.05
C ASP A 106 19.51 -6.00 -14.51
N ALA A 107 19.08 -7.21 -14.87
CA ALA A 107 19.19 -7.66 -16.27
C ALA A 107 18.33 -6.76 -17.16
N LEU A 108 17.16 -6.34 -16.69
CA LEU A 108 16.28 -5.47 -17.50
C LEU A 108 16.92 -4.09 -17.64
N HIS A 109 17.43 -3.54 -16.54
CA HIS A 109 18.05 -2.20 -16.56
C HIS A 109 19.33 -2.23 -17.41
N ALA A 110 20.11 -3.30 -17.31
CA ALA A 110 21.33 -3.45 -18.14
C ALA A 110 20.96 -3.35 -19.62
N ALA A 111 19.79 -3.88 -19.99
CA ALA A 111 19.32 -4.01 -21.39
C ALA A 111 18.55 -2.76 -21.82
N GLY A 112 18.40 -1.77 -20.95
CA GLY A 112 17.73 -0.50 -21.31
C GLY A 112 16.22 -0.65 -21.36
N ILE A 113 15.67 -1.65 -20.68
CA ILE A 113 14.20 -1.90 -20.69
C ILE A 113 13.55 -1.07 -19.57
N ALA A 114 12.48 -0.36 -19.91
CA ALA A 114 11.69 0.42 -18.95
C ALA A 114 10.95 -0.52 -18.01
N THR A 115 11.05 -0.27 -16.71
CA THR A 115 10.49 -1.18 -15.69
C THR A 115 9.48 -0.45 -14.83
N TYR A 116 8.46 -1.18 -14.41
CA TYR A 116 7.27 -0.66 -13.71
C TYR A 116 6.97 -1.58 -12.54
N ALA A 117 6.56 -0.99 -11.43
CA ALA A 117 6.04 -1.74 -10.27
C ALA A 117 5.06 -0.86 -9.55
N ASN A 118 4.21 -1.45 -8.73
CA ASN A 118 3.48 -0.69 -7.68
C ASN A 118 4.46 0.26 -7.01
N ALA A 119 4.08 1.52 -6.83
CA ALA A 119 4.87 2.48 -6.04
C ALA A 119 5.31 1.81 -4.73
N LEU A 120 4.39 1.11 -4.06
CA LEU A 120 4.74 0.49 -2.76
C LEU A 120 5.83 -0.58 -2.98
N SER A 121 5.79 -1.35 -4.07
CA SER A 121 6.86 -2.34 -4.36
C SER A 121 8.19 -1.61 -4.44
N ASN A 122 8.23 -0.49 -5.14
CA ASN A 122 9.49 0.29 -5.29
C ASN A 122 9.92 0.81 -3.93
N GLN A 123 8.99 1.25 -3.09
CA GLN A 123 9.33 1.77 -1.76
C GLN A 123 9.88 0.64 -0.88
N LEU A 124 9.31 -0.57 -0.98
CA LEU A 124 9.73 -1.72 -0.16
C LEU A 124 11.00 -2.38 -0.73
N ALA A 125 11.32 -2.15 -1.99
CA ALA A 125 12.39 -2.92 -2.67
C ALA A 125 13.68 -2.93 -1.86
N PRO A 126 14.24 -1.80 -1.39
CA PRO A 126 15.49 -1.85 -0.63
C PRO A 126 15.41 -2.80 0.58
N GLN A 127 14.35 -2.71 1.39
CA GLN A 127 14.21 -3.60 2.56
C GLN A 127 14.11 -5.07 2.14
N GLU A 128 13.51 -5.32 0.98
CA GLU A 128 13.30 -6.70 0.49
C GLU A 128 14.51 -7.15 -0.33
N GLY A 129 15.60 -6.37 -0.40
CA GLY A 129 16.81 -6.80 -1.11
C GLY A 129 16.63 -6.79 -2.62
N MET A 130 15.67 -6.03 -3.12
CA MET A 130 15.39 -5.90 -4.57
C MET A 130 15.86 -4.54 -5.08
N VAL A 131 16.14 -4.48 -6.36
CA VAL A 131 16.38 -3.21 -7.07
C VAL A 131 15.01 -2.66 -7.49
N ALA A 132 14.72 -1.41 -7.15
CA ALA A 132 13.44 -0.78 -7.51
C ALA A 132 13.32 -0.71 -9.04
N ALA A 133 12.09 -0.82 -9.53
CA ALA A 133 11.77 -0.49 -10.92
C ALA A 133 11.96 1.01 -11.14
N GLN A 134 12.06 1.41 -12.39
CA GLN A 134 12.31 2.83 -12.75
C GLN A 134 11.05 3.64 -12.53
N HIS A 135 9.88 3.04 -12.68
CA HIS A 135 8.59 3.76 -12.71
C HIS A 135 7.62 3.12 -11.75
N SER A 136 6.69 3.93 -11.25
CA SER A 136 5.75 3.53 -10.18
C SER A 136 4.31 3.63 -10.68
N LEU A 137 3.57 2.54 -10.52
CA LEU A 137 2.12 2.49 -10.73
C LEU A 137 1.41 2.96 -9.46
N THR A 138 0.32 3.70 -9.64
CA THR A 138 -0.59 4.01 -8.53
C THR A 138 -1.98 3.53 -8.91
N PHE A 139 -2.83 3.44 -7.92
CA PHE A 139 -4.13 2.75 -8.05
C PHE A 139 -5.26 3.61 -7.50
N ALA A 140 -6.40 3.53 -8.15
CA ALA A 140 -7.67 4.08 -7.66
C ALA A 140 -8.17 3.30 -6.44
N ALA A 141 -9.13 3.86 -5.72
CA ALA A 141 -9.73 3.21 -4.54
C ALA A 141 -10.42 1.91 -4.93
N ASN A 142 -10.79 1.73 -6.21
CA ASN A 142 -11.44 0.49 -6.68
C ASN A 142 -10.40 -0.51 -7.17
N GLY A 143 -9.12 -0.22 -7.04
CA GLY A 143 -8.04 -1.18 -7.35
C GLY A 143 -7.48 -1.02 -8.75
N TRP A 144 -8.18 -0.39 -9.68
CA TRP A 144 -7.66 -0.29 -11.07
C TRP A 144 -6.48 0.69 -11.10
N VAL A 145 -5.47 0.35 -11.88
CA VAL A 145 -4.31 1.24 -12.04
C VAL A 145 -4.80 2.59 -12.53
N GLU A 146 -4.19 3.66 -12.04
CA GLU A 146 -4.36 5.01 -12.62
C GLU A 146 -3.68 5.01 -13.99
N PRO A 147 -4.45 5.20 -15.09
CA PRO A 147 -3.90 4.99 -16.43
C PRO A 147 -2.67 5.83 -16.79
N ALA A 148 -2.56 7.04 -16.23
CA ALA A 148 -1.40 7.91 -16.49
C ALA A 148 -0.13 7.23 -15.99
N THR A 149 -0.23 6.31 -15.05
CA THR A 149 0.96 5.64 -14.46
C THR A 149 1.23 4.31 -15.17
N ALA A 150 0.46 3.94 -16.18
CA ALA A 150 0.65 2.70 -16.95
C ALA A 150 0.81 3.07 -18.43
N PRO A 151 1.84 3.86 -18.78
CA PRO A 151 1.96 4.35 -20.15
C PRO A 151 2.20 3.23 -21.15
N ASN A 152 1.35 3.18 -22.18
CA ASN A 152 1.54 2.24 -23.31
C ASN A 152 1.57 0.80 -22.79
N PHE A 153 0.76 0.49 -21.79
CA PHE A 153 0.68 -0.89 -21.26
C PHE A 153 -0.11 -1.79 -22.22
N GLY A 154 -0.84 -1.22 -23.19
CA GLY A 154 -1.49 -2.01 -24.25
C GLY A 154 -2.42 -3.04 -23.61
N PRO A 155 -2.24 -4.34 -23.87
CA PRO A 155 -3.15 -5.34 -23.31
C PRO A 155 -2.98 -5.60 -21.82
N LEU A 156 -1.92 -5.11 -21.19
CA LEU A 156 -1.72 -5.39 -19.75
C LEU A 156 -2.67 -4.51 -18.94
N LYS A 157 -3.61 -5.12 -18.24
CA LYS A 157 -4.65 -4.41 -17.47
C LYS A 157 -4.36 -4.69 -15.99
N VAL A 158 -3.76 -3.71 -15.32
CA VAL A 158 -3.18 -3.92 -13.98
C VAL A 158 -4.19 -3.57 -12.91
N PHE A 159 -4.36 -4.48 -11.96
CA PHE A 159 -5.35 -4.37 -10.86
C PHE A 159 -4.63 -4.63 -9.56
N TYR A 160 -4.81 -3.73 -8.60
CA TYR A 160 -4.35 -3.93 -7.22
C TYR A 160 -5.53 -4.46 -6.42
N PRO A 161 -5.50 -5.75 -6.00
CA PRO A 161 -6.68 -6.35 -5.39
C PRO A 161 -6.86 -6.07 -3.90
N GLY A 162 -5.85 -5.46 -3.30
CA GLY A 162 -5.76 -5.30 -1.84
C GLY A 162 -4.65 -6.17 -1.29
N PRO A 163 -4.28 -5.97 -0.02
CA PRO A 163 -3.21 -6.73 0.60
C PRO A 163 -3.60 -8.21 0.71
N GLY A 164 -2.64 -9.09 0.47
CA GLY A 164 -2.91 -10.52 0.56
C GLY A 164 -1.62 -11.28 0.76
N HIS A 165 -1.05 -11.82 -0.30
CA HIS A 165 0.27 -12.46 -0.25
C HIS A 165 1.30 -11.46 0.30
N THR A 166 1.25 -10.23 -0.18
CA THR A 166 1.99 -9.08 0.38
C THR A 166 1.06 -7.86 0.35
N SER A 167 1.49 -6.76 0.95
CA SER A 167 0.71 -5.50 0.91
CA SER A 167 0.70 -5.51 0.91
C SER A 167 0.77 -4.90 -0.49
N ASP A 168 1.81 -5.24 -1.27
CA ASP A 168 2.09 -4.57 -2.56
C ASP A 168 1.65 -5.41 -3.75
N ASN A 169 1.15 -6.62 -3.55
CA ASN A 169 0.88 -7.55 -4.67
C ASN A 169 -0.07 -6.90 -5.69
N ILE A 170 0.27 -6.99 -6.98
CA ILE A 170 -0.63 -6.57 -8.07
C ILE A 170 -0.88 -7.76 -8.98
N THR A 171 -1.92 -7.62 -9.79
CA THR A 171 -2.38 -8.66 -10.72
C THR A 171 -2.55 -8.04 -12.08
N VAL A 172 -2.59 -8.87 -13.12
CA VAL A 172 -2.56 -8.34 -14.51
C VAL A 172 -3.49 -9.20 -15.36
N GLY A 173 -4.48 -8.59 -15.97
CA GLY A 173 -5.29 -9.23 -17.02
C GLY A 173 -4.61 -9.01 -18.35
N ILE A 174 -4.68 -10.00 -19.23
CA ILE A 174 -4.17 -9.82 -20.61
CA ILE A 174 -4.18 -9.82 -20.62
C ILE A 174 -5.38 -9.57 -21.52
N ASP A 175 -5.61 -8.31 -21.83
CA ASP A 175 -6.79 -7.91 -22.63
C ASP A 175 -6.74 -8.61 -23.98
N GLY A 176 -7.91 -9.02 -24.46
CA GLY A 176 -8.08 -9.69 -25.75
C GLY A 176 -7.75 -11.15 -25.67
N THR A 177 -7.57 -11.69 -24.47
CA THR A 177 -7.29 -13.12 -24.24
C THR A 177 -8.15 -13.63 -23.09
N ASP A 178 -8.06 -14.93 -22.85
CA ASP A 178 -8.77 -15.61 -21.74
C ASP A 178 -7.97 -15.55 -20.44
N ILE A 179 -6.84 -14.86 -20.42
CA ILE A 179 -5.80 -15.02 -19.37
C ILE A 179 -5.86 -13.88 -18.38
N ALA A 180 -5.76 -14.23 -17.10
CA ALA A 180 -5.45 -13.26 -16.03
C ALA A 180 -4.37 -13.87 -15.16
N PHE A 181 -3.46 -13.03 -14.70
CA PHE A 181 -2.28 -13.42 -13.91
C PHE A 181 -2.50 -12.99 -12.47
N GLY A 182 -2.62 -13.98 -11.60
CA GLY A 182 -2.80 -13.75 -10.15
C GLY A 182 -1.47 -13.60 -9.41
N GLY A 183 -0.36 -13.92 -10.06
CA GLY A 183 0.96 -13.89 -9.40
C GLY A 183 0.95 -14.78 -8.18
N CYS A 184 1.48 -14.30 -7.06
CA CYS A 184 1.64 -15.14 -5.86
C CYS A 184 0.39 -15.05 -4.99
N LEU A 185 -0.57 -14.20 -5.31
CA LEU A 185 -1.81 -14.09 -4.51
C LEU A 185 -2.62 -15.38 -4.67
N ILE A 186 -2.69 -15.90 -5.88
CA ILE A 186 -3.58 -17.04 -6.20
C ILE A 186 -2.74 -18.31 -6.23
N LYS A 187 -3.22 -19.34 -5.56
CA LYS A 187 -2.61 -20.69 -5.58
C LYS A 187 -3.59 -21.64 -6.29
N ASP A 188 -3.11 -22.77 -6.75
CA ASP A 188 -3.97 -23.58 -7.65
C ASP A 188 -5.02 -24.31 -6.82
N SER A 189 -6.04 -24.81 -7.50
CA SER A 189 -7.21 -25.40 -6.80
C SER A 189 -6.82 -26.70 -6.08
N LYS A 190 -5.66 -27.28 -6.39
CA LYS A 190 -5.14 -28.49 -5.71
C LYS A 190 -4.26 -28.11 -4.51
N ALA A 191 -4.02 -26.82 -4.25
CA ALA A 191 -3.04 -26.37 -3.24
C ALA A 191 -3.47 -26.82 -1.85
N LYS A 192 -2.50 -27.24 -1.04
CA LYS A 192 -2.72 -27.62 0.38
C LYS A 192 -2.45 -26.42 1.29
N SER A 193 -1.84 -25.36 0.75
CA SER A 193 -1.50 -24.14 1.53
C SER A 193 -1.40 -22.94 0.59
N LEU A 194 -1.29 -21.76 1.19
CA LEU A 194 -1.15 -20.49 0.45
C LEU A 194 0.33 -20.16 0.24
N GLY A 195 1.23 -21.13 0.37
CA GLY A 195 2.66 -20.91 0.11
C GLY A 195 3.28 -20.01 1.17
N ASN A 196 4.14 -19.08 0.78
CA ASN A 196 4.85 -18.22 1.75
C ASN A 196 3.91 -17.12 2.26
N LEU A 197 3.48 -17.19 3.52
CA LEU A 197 2.67 -16.14 4.19
C LEU A 197 3.53 -15.25 5.09
N GLY A 198 4.85 -15.32 4.95
CA GLY A 198 5.77 -14.53 5.81
C GLY A 198 5.46 -13.04 5.76
N ASP A 199 5.07 -12.52 4.60
CA ASP A 199 4.79 -11.07 4.44
C ASP A 199 3.29 -10.82 4.21
N ALA A 200 2.45 -11.82 4.46
CA ALA A 200 1.02 -11.78 4.07
C ALA A 200 0.21 -10.92 5.03
N ASP A 201 -0.91 -10.41 4.53
CA ASP A 201 -1.98 -9.76 5.33
C ASP A 201 -3.09 -10.78 5.49
N THR A 202 -3.14 -11.44 6.63
CA THR A 202 -4.07 -12.57 6.85
C THR A 202 -5.50 -12.04 7.00
N GLU A 203 -5.70 -10.80 7.45
CA GLU A 203 -7.07 -10.26 7.62
CA GLU A 203 -7.06 -10.25 7.62
C GLU A 203 -7.70 -10.03 6.24
N HIS A 204 -6.94 -9.48 5.29
CA HIS A 204 -7.53 -8.96 4.03
C HIS A 204 -7.35 -9.94 2.87
N TYR A 205 -6.58 -11.01 3.05
CA TYR A 205 -6.20 -11.92 1.94
C TYR A 205 -7.46 -12.41 1.22
N ALA A 206 -8.47 -12.91 1.94
CA ALA A 206 -9.62 -13.55 1.29
C ALA A 206 -10.33 -12.52 0.41
N ALA A 207 -10.56 -11.31 0.92
CA ALA A 207 -11.26 -10.27 0.14
C ALA A 207 -10.43 -9.91 -1.10
N SER A 208 -9.12 -9.86 -0.95
CA SER A 208 -8.21 -9.51 -2.08
C SER A 208 -8.29 -10.58 -3.16
N ALA A 209 -8.32 -11.85 -2.79
CA ALA A 209 -8.46 -12.95 -3.76
C ALA A 209 -9.79 -12.82 -4.48
N ARG A 210 -10.87 -12.58 -3.75
CA ARG A 210 -12.21 -12.43 -4.36
C ARG A 210 -12.23 -11.18 -5.25
N ALA A 211 -11.57 -10.09 -4.85
CA ALA A 211 -11.53 -8.84 -5.66
C ALA A 211 -10.85 -9.13 -7.00
N PHE A 212 -9.81 -9.95 -7.01
CA PHE A 212 -9.10 -10.34 -8.25
C PHE A 212 -10.09 -11.05 -9.18
N GLY A 213 -10.84 -11.99 -8.63
CA GLY A 213 -11.86 -12.73 -9.39
C GLY A 213 -12.89 -11.78 -10.00
N ALA A 214 -13.35 -10.81 -9.22
CA ALA A 214 -14.40 -9.88 -9.69
C ALA A 214 -13.82 -8.90 -10.72
N ALA A 215 -12.53 -8.59 -10.63
CA ALA A 215 -11.89 -7.62 -11.53
C ALA A 215 -11.77 -8.20 -12.94
N PHE A 216 -11.54 -9.50 -13.03
CA PHE A 216 -11.34 -10.21 -14.31
C PHE A 216 -12.41 -11.30 -14.38
N PRO A 217 -13.70 -10.94 -14.50
CA PRO A 217 -14.79 -11.87 -14.25
C PRO A 217 -14.95 -12.97 -15.30
N LYS A 218 -14.36 -12.79 -16.46
CA LYS A 218 -14.55 -13.79 -17.55
C LYS A 218 -13.24 -14.53 -17.88
N ALA A 219 -12.07 -14.09 -17.39
CA ALA A 219 -10.81 -14.86 -17.60
C ALA A 219 -11.03 -16.34 -17.22
N SER A 220 -10.70 -17.26 -18.13
CA SER A 220 -10.91 -18.70 -17.93
C SER A 220 -9.57 -19.41 -17.68
N MET A 221 -8.45 -18.74 -17.94
CA MET A 221 -7.12 -19.33 -17.70
C MET A 221 -6.43 -18.45 -16.66
N ILE A 222 -6.28 -18.96 -15.46
CA ILE A 222 -5.66 -18.20 -14.35
C ILE A 222 -4.22 -18.67 -14.23
N VAL A 223 -3.31 -17.75 -14.53
CA VAL A 223 -1.85 -18.02 -14.44
C VAL A 223 -1.39 -17.53 -13.08
N MET A 224 -0.48 -18.28 -12.49
CA MET A 224 -0.04 -18.09 -11.09
CA MET A 224 0.01 -17.87 -11.16
C MET A 224 1.48 -18.24 -11.00
N SER A 225 2.08 -17.71 -9.95
CA SER A 225 3.55 -17.79 -9.84
C SER A 225 4.02 -19.23 -9.66
N HIS A 226 3.34 -20.04 -8.85
CA HIS A 226 4.00 -21.25 -8.30
C HIS A 226 3.23 -22.51 -8.67
N SER A 227 2.40 -22.46 -9.69
CA SER A 227 1.76 -23.68 -10.24
C SER A 227 1.40 -23.43 -11.69
N ALA A 228 1.11 -24.49 -12.42
CA ALA A 228 0.68 -24.40 -13.81
C ALA A 228 -0.66 -23.69 -13.89
N PRO A 229 -0.99 -23.13 -15.06
CA PRO A 229 -2.28 -22.47 -15.23
C PRO A 229 -3.45 -23.36 -14.82
N ASP A 230 -4.46 -22.74 -14.22
CA ASP A 230 -5.64 -23.42 -13.65
C ASP A 230 -6.89 -22.71 -14.17
N SER A 231 -8.03 -23.31 -13.86
CA SER A 231 -9.35 -22.70 -14.11
C SER A 231 -9.65 -21.67 -13.02
N ARG A 232 -10.80 -21.04 -13.11
CA ARG A 232 -11.22 -20.03 -12.12
C ARG A 232 -11.35 -20.66 -10.74
N ALA A 233 -11.49 -21.98 -10.62
CA ALA A 233 -11.58 -22.60 -9.28
C ALA A 233 -10.39 -22.22 -8.42
N ALA A 234 -9.24 -21.90 -9.00
CA ALA A 234 -8.07 -21.50 -8.21
C ALA A 234 -8.42 -20.27 -7.38
N ILE A 235 -9.22 -19.37 -7.91
CA ILE A 235 -9.52 -18.08 -7.22
C ILE A 235 -10.38 -18.40 -6.01
N THR A 236 -11.48 -19.11 -6.22
CA THR A 236 -12.42 -19.44 -5.12
C THR A 236 -11.72 -20.33 -4.09
N HIS A 237 -10.97 -21.33 -4.53
CA HIS A 237 -10.29 -22.25 -3.59
C HIS A 237 -9.31 -21.44 -2.74
N THR A 238 -8.59 -20.50 -3.35
CA THR A 238 -7.62 -19.66 -2.61
C THR A 238 -8.38 -18.79 -1.60
N ALA A 239 -9.47 -18.17 -2.03
CA ALA A 239 -10.27 -17.31 -1.13
C ALA A 239 -10.76 -18.12 0.07
N ARG A 240 -11.21 -19.35 -0.16
CA ARG A 240 -11.78 -20.18 0.93
C ARG A 240 -10.66 -20.63 1.88
N MET A 241 -9.46 -20.89 1.39
CA MET A 241 -8.28 -21.18 2.25
CA MET A 241 -8.28 -21.17 2.25
C MET A 241 -7.95 -19.92 3.07
N ALA A 242 -7.95 -18.76 2.43
CA ALA A 242 -7.65 -17.49 3.10
C ALA A 242 -8.70 -17.17 4.17
N ASP A 243 -9.97 -17.57 3.95
CA ASP A 243 -11.06 -17.36 4.93
C ASP A 243 -10.66 -17.96 6.28
N LYS A 244 -9.88 -19.05 6.27
CA LYS A 244 -9.51 -19.81 7.50
C LYS A 244 -8.37 -19.10 8.25
N LEU A 245 -7.72 -18.10 7.64
CA LEU A 245 -6.62 -17.33 8.27
C LEU A 245 -7.21 -16.30 9.23
N ARG A 246 -8.51 -16.01 9.14
CA ARG A 246 -9.21 -14.95 9.89
C ARG A 246 -9.91 -15.56 11.11
N GLU B 16 -3.65 20.85 31.26
CA GLU B 16 -5.12 21.06 31.09
C GLU B 16 -5.44 22.56 31.14
N THR B 17 -4.76 23.32 32.00
CA THR B 17 -4.79 24.81 31.98
C THR B 17 -4.49 25.27 30.55
N GLY B 18 -5.41 26.01 29.94
CA GLY B 18 -5.29 26.49 28.55
C GLY B 18 -6.01 25.57 27.57
N ASP B 19 -6.27 24.31 27.95
CA ASP B 19 -7.06 23.38 27.09
C ASP B 19 -8.52 23.84 27.11
N GLN B 20 -9.23 23.64 26.01
CA GLN B 20 -10.65 24.06 25.87
C GLN B 20 -11.51 22.82 25.65
N ARG B 21 -12.73 22.83 26.14
CA ARG B 21 -13.65 21.68 26.00
C ARG B 21 -14.86 22.13 25.18
N PHE B 22 -15.34 21.25 24.32
CA PHE B 22 -16.62 21.43 23.61
C PHE B 22 -17.30 20.07 23.56
N GLY B 23 -18.38 19.87 24.31
CA GLY B 23 -19.01 18.56 24.44
C GLY B 23 -18.01 17.57 24.97
N ASP B 24 -17.71 16.54 24.18
CA ASP B 24 -16.87 15.39 24.59
C ASP B 24 -15.44 15.63 24.11
N LEU B 25 -15.17 16.75 23.45
CA LEU B 25 -13.88 17.03 22.77
C LEU B 25 -13.03 17.98 23.61
N VAL B 26 -11.72 17.80 23.55
CA VAL B 26 -10.74 18.72 24.18
C VAL B 26 -9.81 19.24 23.09
N PHE B 27 -9.48 20.52 23.15
CA PHE B 27 -8.64 21.21 22.15
C PHE B 27 -7.45 21.84 22.86
N ARG B 28 -6.27 21.66 22.31
CA ARG B 28 -5.03 22.27 22.85
C ARG B 28 -4.38 23.05 21.73
N GLN B 29 -4.09 24.32 21.92
CA GLN B 29 -3.40 25.11 20.89
C GLN B 29 -1.92 24.76 20.96
N LEU B 30 -1.36 24.28 19.85
CA LEU B 30 0.05 23.85 19.76
C LEU B 30 0.91 24.96 19.18
N ALA B 31 0.33 25.79 18.33
CA ALA B 31 1.03 26.88 17.62
C ALA B 31 -0.03 27.92 17.25
N PRO B 32 0.34 29.14 16.86
CA PRO B 32 -0.67 30.15 16.55
C PRO B 32 -1.83 29.69 15.65
N ASN B 33 -1.57 28.78 14.72
CA ASN B 33 -2.57 28.35 13.71
C ASN B 33 -2.80 26.85 13.78
N VAL B 34 -2.40 26.19 14.87
CA VAL B 34 -2.54 24.72 14.96
C VAL B 34 -3.10 24.30 16.31
N TRP B 35 -4.14 23.49 16.30
CA TRP B 35 -4.72 22.89 17.52
C TRP B 35 -4.72 21.38 17.38
N GLN B 36 -4.53 20.70 18.50
CA GLN B 36 -4.81 19.26 18.63
C GLN B 36 -6.25 19.07 19.09
N HIS B 37 -7.00 18.20 18.41
CA HIS B 37 -8.31 17.73 18.89
C HIS B 37 -8.13 16.38 19.53
N THR B 38 -8.81 16.16 20.66
CA THR B 38 -8.73 14.89 21.40
C THR B 38 -10.13 14.41 21.73
N SER B 39 -10.42 13.17 21.37
CA SER B 39 -11.71 12.49 21.64
C SER B 39 -11.42 11.16 22.30
N TYR B 40 -12.42 10.59 22.96
CA TYR B 40 -12.23 9.39 23.81
C TYR B 40 -13.27 8.34 23.45
N LEU B 41 -12.84 7.08 23.47
CA LEU B 41 -13.74 5.90 23.36
C LEU B 41 -13.35 4.86 24.42
N ASP B 42 -14.33 4.36 25.17
CA ASP B 42 -14.16 3.21 26.10
C ASP B 42 -13.95 1.94 25.28
N MET B 43 -12.80 1.29 25.46
CA MET B 43 -12.43 0.01 24.80
C MET B 43 -12.42 -1.09 25.86
N PRO B 44 -13.08 -2.24 25.61
CA PRO B 44 -13.15 -3.31 26.59
C PRO B 44 -11.79 -3.60 27.26
N GLY B 45 -11.70 -3.40 28.57
CA GLY B 45 -10.57 -3.81 29.43
C GLY B 45 -9.42 -2.82 29.36
N PHE B 46 -9.67 -1.58 28.92
CA PHE B 46 -8.66 -0.53 28.64
C PHE B 46 -9.11 0.83 29.18
N GLY B 47 -10.38 0.92 29.60
CA GLY B 47 -11.09 2.20 29.83
C GLY B 47 -10.98 3.13 28.64
N ALA B 48 -11.08 4.44 28.87
CA ALA B 48 -11.09 5.49 27.84
C ALA B 48 -9.76 5.49 27.06
N VAL B 49 -9.83 5.42 25.74
CA VAL B 49 -8.64 5.60 24.86
C VAL B 49 -8.75 6.96 24.16
N ALA B 50 -7.74 7.79 24.30
CA ALA B 50 -7.65 9.11 23.64
C ALA B 50 -7.25 8.88 22.19
N SER B 51 -7.82 9.66 21.29
CA SER B 51 -7.30 9.80 19.91
C SER B 51 -7.15 11.28 19.58
N ASN B 52 -6.01 11.64 19.02
CA ASN B 52 -5.68 13.02 18.65
C ASN B 52 -5.69 13.18 17.14
N GLY B 53 -6.16 14.33 16.71
CA GLY B 53 -5.92 14.85 15.36
C GLY B 53 -5.56 16.31 15.39
N LEU B 54 -5.58 16.97 14.24
CA LEU B 54 -5.12 18.36 14.14
C LEU B 54 -6.17 19.22 13.44
N ILE B 55 -6.15 20.48 13.79
CA ILE B 55 -6.92 21.56 13.14
C ILE B 55 -5.92 22.64 12.77
N VAL B 56 -5.90 23.04 11.51
CA VAL B 56 -4.92 24.03 11.01
C VAL B 56 -5.68 25.19 10.41
N ARG B 57 -5.39 26.40 10.90
CA ARG B 57 -5.87 27.63 10.25
C ARG B 57 -4.87 28.00 9.16
N ASP B 58 -5.34 28.03 7.93
CA ASP B 58 -4.53 28.36 6.73
C ASP B 58 -5.10 29.62 6.09
N GLY B 59 -4.69 30.79 6.59
CA GLY B 59 -5.30 32.07 6.19
C GLY B 59 -6.78 32.06 6.50
N GLY B 60 -7.63 32.21 5.48
CA GLY B 60 -9.08 32.34 5.65
C GLY B 60 -9.82 31.02 5.64
N ARG B 61 -9.14 29.89 5.83
CA ARG B 61 -9.81 28.57 5.85
C ARG B 61 -9.16 27.66 6.89
N VAL B 62 -9.86 26.58 7.22
CA VAL B 62 -9.40 25.58 8.20
C VAL B 62 -9.26 24.22 7.50
N LEU B 63 -8.22 23.49 7.87
CA LEU B 63 -7.95 22.13 7.38
C LEU B 63 -7.95 21.22 8.61
N VAL B 64 -8.51 20.04 8.45
CA VAL B 64 -8.61 19.06 9.57
C VAL B 64 -7.81 17.83 9.20
N VAL B 65 -7.06 17.31 10.17
CA VAL B 65 -6.40 15.99 10.05
C VAL B 65 -7.06 15.04 11.04
N ASP B 66 -7.69 14.01 10.51
CA ASP B 66 -8.37 12.90 11.22
C ASP B 66 -9.72 13.33 11.77
N THR B 67 -10.67 12.41 11.72
CA THR B 67 -11.95 12.57 12.44
C THR B 67 -11.73 12.24 13.91
N ALA B 68 -12.78 12.36 14.70
CA ALA B 68 -12.85 11.75 16.03
C ALA B 68 -13.38 10.32 15.87
N TRP B 69 -13.56 9.62 16.98
CA TRP B 69 -14.00 8.21 16.94
C TRP B 69 -15.38 8.06 16.32
N THR B 70 -16.25 9.06 16.47
CA THR B 70 -17.67 8.93 16.09
C THR B 70 -18.13 10.16 15.32
N ASP B 71 -19.25 10.01 14.64
CA ASP B 71 -19.89 11.13 13.93
C ASP B 71 -20.22 12.26 14.93
N ASP B 72 -20.82 11.94 16.08
CA ASP B 72 -21.22 13.00 17.04
C ASP B 72 -19.97 13.76 17.49
N GLN B 73 -18.89 13.05 17.82
CA GLN B 73 -17.65 13.71 18.28
C GLN B 73 -17.08 14.59 17.15
N THR B 74 -17.18 14.10 15.93
CA THR B 74 -16.63 14.85 14.78
C THR B 74 -17.45 16.12 14.55
N ALA B 75 -18.77 16.04 14.72
CA ALA B 75 -19.63 17.24 14.64
C ALA B 75 -19.22 18.23 15.74
N GLN B 76 -18.83 17.76 16.91
CA GLN B 76 -18.40 18.65 18.00
C GLN B 76 -17.11 19.38 17.57
N ILE B 77 -16.18 18.69 16.90
CA ILE B 77 -14.99 19.37 16.35
C ILE B 77 -15.45 20.52 15.45
N LEU B 78 -16.36 20.24 14.53
CA LEU B 78 -16.73 21.26 13.52
C LEU B 78 -17.40 22.45 14.21
N ASN B 79 -18.19 22.19 15.25
CA ASN B 79 -18.91 23.30 15.92
C ASN B 79 -17.95 24.10 16.80
N TRP B 80 -16.97 23.46 17.41
CA TRP B 80 -15.90 24.20 18.10
C TRP B 80 -15.16 25.09 17.10
N ILE B 81 -14.83 24.58 15.92
CA ILE B 81 -14.12 25.40 14.91
C ILE B 81 -14.97 26.64 14.59
N LYS B 82 -16.26 26.45 14.36
CA LYS B 82 -17.17 27.58 14.06
CA LYS B 82 -17.19 27.56 14.07
C LYS B 82 -17.10 28.59 15.21
N GLN B 83 -17.18 28.12 16.45
CA GLN B 83 -17.28 28.99 17.66
C GLN B 83 -15.95 29.71 17.88
N GLU B 84 -14.82 29.00 17.80
CA GLU B 84 -13.51 29.50 18.27
C GLU B 84 -12.75 30.15 17.13
N ILE B 85 -12.82 29.61 15.92
CA ILE B 85 -12.00 30.07 14.76
C ILE B 85 -12.88 30.83 13.78
N ASN B 86 -14.09 30.34 13.52
CA ASN B 86 -15.08 31.04 12.66
C ASN B 86 -14.49 31.28 11.26
N LEU B 87 -13.91 30.23 10.68
CA LEU B 87 -13.52 30.18 9.26
C LEU B 87 -14.02 28.87 8.67
N PRO B 88 -14.29 28.83 7.36
CA PRO B 88 -14.81 27.61 6.74
C PRO B 88 -13.76 26.50 6.76
N VAL B 89 -14.22 25.27 6.94
CA VAL B 89 -13.36 24.08 6.84
C VAL B 89 -13.32 23.61 5.40
N ALA B 90 -12.16 23.74 4.74
CA ALA B 90 -12.02 23.52 3.28
C ALA B 90 -11.90 22.02 3.00
N LEU B 91 -11.18 21.29 3.84
CA LEU B 91 -10.91 19.86 3.56
C LEU B 91 -10.42 19.18 4.83
N ALA B 92 -10.53 17.88 4.81
CA ALA B 92 -9.99 17.00 5.85
C ALA B 92 -9.18 15.90 5.19
N VAL B 93 -8.08 15.55 5.81
CA VAL B 93 -7.29 14.35 5.43
CA VAL B 93 -7.18 14.41 5.47
C VAL B 93 -7.29 13.39 6.60
N VAL B 94 -7.57 12.13 6.30
CA VAL B 94 -7.66 11.11 7.37
C VAL B 94 -6.58 10.07 7.12
N THR B 95 -5.96 9.57 8.19
CA THR B 95 -4.58 9.03 8.05
C THR B 95 -4.53 7.50 8.05
N HIS B 96 -5.63 6.78 8.25
CA HIS B 96 -5.79 5.36 7.85
C HIS B 96 -7.20 4.90 8.21
N ALA B 97 -7.57 3.72 7.73
CA ALA B 97 -8.95 3.19 7.85
C ALA B 97 -9.08 2.43 9.17
N HIS B 98 -9.06 3.14 10.28
CA HIS B 98 -9.45 2.65 11.62
C HIS B 98 -10.38 3.68 12.25
N GLN B 99 -11.16 3.28 13.24
CA GLN B 99 -12.27 4.08 13.77
C GLN B 99 -11.76 5.39 14.38
N ASP B 100 -10.59 5.38 15.01
CA ASP B 100 -10.07 6.61 15.66
C ASP B 100 -9.80 7.70 14.62
N LYS B 101 -9.52 7.34 13.36
CA LYS B 101 -9.10 8.31 12.33
C LYS B 101 -10.21 8.57 11.33
N MET B 102 -11.12 7.61 11.13
CA MET B 102 -12.16 7.69 10.06
C MET B 102 -13.56 7.38 10.60
N GLY B 103 -13.74 7.24 11.91
CA GLY B 103 -15.06 6.92 12.48
C GLY B 103 -16.07 8.01 12.20
N GLY B 104 -15.64 9.24 11.95
CA GLY B 104 -16.56 10.40 11.80
C GLY B 104 -16.74 10.87 10.36
N MET B 105 -16.42 10.05 9.37
CA MET B 105 -16.47 10.47 7.95
CA MET B 105 -16.46 10.48 7.95
C MET B 105 -17.86 10.99 7.59
N ASP B 106 -18.91 10.31 8.05
CA ASP B 106 -20.29 10.73 7.67
C ASP B 106 -20.56 12.15 8.16
N ALA B 107 -20.04 12.55 9.32
CA ALA B 107 -20.24 13.91 9.85
C ALA B 107 -19.50 14.92 8.97
N LEU B 108 -18.29 14.61 8.53
CA LEU B 108 -17.58 15.52 7.60
C LEU B 108 -18.40 15.68 6.31
N HIS B 109 -18.91 14.60 5.77
CA HIS B 109 -19.66 14.64 4.48
C HIS B 109 -20.96 15.42 4.68
N ALA B 110 -21.65 15.21 5.80
CA ALA B 110 -22.94 15.88 6.06
C ALA B 110 -22.71 17.39 6.14
N ALA B 111 -21.54 17.82 6.62
CA ALA B 111 -21.13 19.23 6.80
C ALA B 111 -20.56 19.82 5.51
N GLY B 112 -20.44 19.01 4.45
CA GLY B 112 -19.98 19.45 3.12
C GLY B 112 -18.47 19.70 3.09
N ILE B 113 -17.71 18.98 3.91
CA ILE B 113 -16.23 19.09 3.91
C ILE B 113 -15.67 18.08 2.93
N ALA B 114 -14.82 18.52 2.02
CA ALA B 114 -14.11 17.64 1.07
C ALA B 114 -13.16 16.74 1.85
N THR B 115 -13.18 15.45 1.58
CA THR B 115 -12.35 14.47 2.33
C THR B 115 -11.37 13.75 1.42
N TYR B 116 -10.19 13.50 1.97
CA TYR B 116 -9.04 12.88 1.28
C TYR B 116 -8.49 11.79 2.18
N ALA B 117 -8.13 10.66 1.58
CA ALA B 117 -7.45 9.58 2.28
C ALA B 117 -6.56 8.88 1.27
N ASN B 118 -5.56 8.18 1.74
CA ASN B 118 -4.80 7.23 0.91
C ASN B 118 -5.82 6.42 0.10
N ALA B 119 -5.57 6.24 -1.20
CA ALA B 119 -6.36 5.31 -2.04
C ALA B 119 -6.51 3.97 -1.33
N LEU B 120 -5.45 3.49 -0.69
CA LEU B 120 -5.52 2.17 -0.02
C LEU B 120 -6.47 2.24 1.17
N SER B 121 -6.48 3.35 1.91
CA SER B 121 -7.47 3.54 3.01
C SER B 121 -8.88 3.44 2.45
N ASN B 122 -9.13 4.10 1.33
CA ASN B 122 -10.48 4.08 0.70
C ASN B 122 -10.81 2.66 0.24
N GLN B 123 -9.82 1.92 -0.25
CA GLN B 123 -10.07 0.54 -0.73
C GLN B 123 -10.36 -0.36 0.46
N LEU B 124 -9.66 -0.16 1.58
CA LEU B 124 -9.82 -1.01 2.79
C LEU B 124 -11.06 -0.60 3.57
N ALA B 125 -11.57 0.61 3.37
CA ALA B 125 -12.59 1.19 4.25
C ALA B 125 -13.76 0.22 4.44
N PRO B 126 -14.37 -0.35 3.38
CA PRO B 126 -15.50 -1.26 3.59
C PRO B 126 -15.19 -2.42 4.55
N GLN B 127 -14.06 -3.08 4.36
CA GLN B 127 -13.65 -4.22 5.23
C GLN B 127 -13.43 -3.74 6.66
N GLU B 128 -12.96 -2.51 6.83
CA GLU B 128 -12.62 -1.94 8.16
C GLU B 128 -13.86 -1.29 8.79
N GLY B 129 -15.02 -1.34 8.12
CA GLY B 129 -16.26 -0.75 8.66
C GLY B 129 -16.25 0.76 8.62
N MET B 130 -15.41 1.36 7.77
CA MET B 130 -15.28 2.82 7.62
C MET B 130 -15.97 3.27 6.33
N VAL B 131 -16.34 4.53 6.28
CA VAL B 131 -16.83 5.19 5.04
C VAL B 131 -15.64 5.79 4.30
N ALA B 132 -15.51 5.48 3.02
CA ALA B 132 -14.42 5.98 2.18
C ALA B 132 -14.49 7.51 2.11
N ALA B 133 -13.33 8.13 1.99
CA ALA B 133 -13.24 9.56 1.65
C ALA B 133 -13.74 9.79 0.23
N GLN B 134 -14.02 11.04 -0.09
CA GLN B 134 -14.52 11.44 -1.43
C GLN B 134 -13.38 11.39 -2.45
N HIS B 135 -12.14 11.56 -2.01
CA HIS B 135 -10.96 11.65 -2.90
C HIS B 135 -9.87 10.74 -2.39
N SER B 136 -9.06 10.22 -3.32
CA SER B 136 -7.92 9.33 -3.03
C SER B 136 -6.60 10.06 -3.27
N LEU B 137 -5.73 9.96 -2.28
CA LEU B 137 -4.32 10.37 -2.39
C LEU B 137 -3.51 9.17 -2.89
N THR B 138 -2.60 9.42 -3.80
CA THR B 138 -1.60 8.39 -4.17
C THR B 138 -0.21 8.95 -3.95
N PHE B 139 0.77 8.07 -3.97
CA PHE B 139 2.12 8.37 -3.46
C PHE B 139 3.17 7.85 -4.43
N ALA B 140 4.25 8.61 -4.55
CA ALA B 140 5.43 8.20 -5.31
C ALA B 140 6.19 7.12 -4.55
N ALA B 141 7.15 6.48 -5.22
CA ALA B 141 8.02 5.46 -4.60
C ALA B 141 8.77 6.03 -3.40
N ASN B 142 9.01 7.33 -3.37
CA ASN B 142 9.77 7.98 -2.28
C ASN B 142 8.83 8.38 -1.13
N GLY B 143 7.54 8.08 -1.27
CA GLY B 143 6.57 8.30 -0.18
C GLY B 143 5.81 9.61 -0.31
N TRP B 144 6.28 10.58 -1.07
CA TRP B 144 5.60 11.88 -1.15
C TRP B 144 4.31 11.78 -1.95
N VAL B 145 3.27 12.47 -1.51
CA VAL B 145 1.98 12.45 -2.22
C VAL B 145 2.19 12.96 -3.65
N GLU B 146 1.51 12.33 -4.61
CA GLU B 146 1.50 12.82 -6.01
C GLU B 146 0.70 14.11 -6.00
N PRO B 147 1.31 15.27 -6.30
CA PRO B 147 0.66 16.55 -6.06
C PRO B 147 -0.72 16.75 -6.70
N ALA B 148 -0.97 16.19 -7.87
CA ALA B 148 -2.27 16.38 -8.54
C ALA B 148 -3.39 15.76 -7.69
N THR B 149 -3.08 14.82 -6.80
CA THR B 149 -4.10 14.15 -5.95
C THR B 149 -4.36 14.95 -4.68
N ALA B 150 -3.54 15.95 -4.36
CA ALA B 150 -3.66 16.75 -3.13
C ALA B 150 -3.71 18.23 -3.51
N PRO B 151 -4.76 18.65 -4.24
CA PRO B 151 -4.84 20.04 -4.69
C PRO B 151 -5.15 20.99 -3.53
N ASN B 152 -4.47 22.12 -3.52
CA ASN B 152 -4.74 23.26 -2.61
CA ASN B 152 -4.71 23.27 -2.61
C ASN B 152 -4.68 22.78 -1.16
N PHE B 153 -3.66 22.00 -0.82
CA PHE B 153 -3.48 21.47 0.56
C PHE B 153 -2.77 22.50 1.44
N GLY B 154 -2.47 23.71 0.94
CA GLY B 154 -1.84 24.77 1.76
C GLY B 154 -0.59 24.23 2.44
N PRO B 155 -0.46 24.36 3.77
CA PRO B 155 0.77 23.92 4.46
C PRO B 155 0.84 22.42 4.71
N LEU B 156 -0.19 21.65 4.36
CA LEU B 156 -0.18 20.20 4.68
C LEU B 156 0.72 19.47 3.69
N LYS B 157 1.71 18.79 4.21
CA LYS B 157 2.68 18.01 3.40
CA LYS B 157 2.69 18.02 3.42
C LYS B 157 2.48 16.54 3.73
N VAL B 158 1.90 15.80 2.81
CA VAL B 158 1.43 14.42 3.10
C VAL B 158 2.46 13.42 2.61
N PHE B 159 2.83 12.51 3.50
CA PHE B 159 3.91 11.53 3.30
C PHE B 159 3.41 10.15 3.69
N TYR B 160 3.62 9.19 2.80
CA TYR B 160 3.32 7.77 3.06
C TYR B 160 4.65 7.13 3.43
N PRO B 161 4.87 6.75 4.70
CA PRO B 161 6.19 6.30 5.12
C PRO B 161 6.45 4.82 4.87
N GLY B 162 5.46 4.10 4.37
CA GLY B 162 5.52 2.64 4.24
C GLY B 162 4.63 1.98 5.27
N PRO B 163 4.40 0.66 5.12
CA PRO B 163 3.52 -0.06 6.04
C PRO B 163 4.13 -0.11 7.43
N GLY B 164 3.29 0.05 8.45
CA GLY B 164 3.77 0.04 9.84
C GLY B 164 2.66 -0.33 10.76
N HIS B 165 2.02 0.66 11.36
CA HIS B 165 0.82 0.43 12.18
C HIS B 165 -0.27 -0.22 11.32
N THR B 166 -0.45 0.25 10.09
CA THR B 166 -1.24 -0.44 9.05
C THR B 166 -0.52 -0.30 7.72
N SER B 167 -1.03 -0.98 6.69
CA SER B 167 -0.47 -0.90 5.34
C SER B 167 -0.72 0.50 4.76
N ASP B 168 -1.78 1.17 5.20
CA ASP B 168 -2.28 2.40 4.54
C ASP B 168 -1.90 3.67 5.32
N ASN B 169 -1.24 3.54 6.47
CA ASN B 169 -0.99 4.71 7.34
C ASN B 169 -0.24 5.83 6.60
N ILE B 170 -0.73 7.05 6.75
CA ILE B 170 -0.04 8.24 6.18
C ILE B 170 0.24 9.24 7.31
N THR B 171 1.10 10.19 6.99
CA THR B 171 1.61 11.17 7.96
C THR B 171 1.53 12.55 7.31
N VAL B 172 1.59 13.59 8.13
CA VAL B 172 1.34 14.96 7.63
C VAL B 172 2.26 15.92 8.37
N GLY B 173 3.06 16.66 7.62
CA GLY B 173 3.83 17.79 8.16
C GLY B 173 3.06 19.07 7.95
N ILE B 174 3.22 20.02 8.85
CA ILE B 174 2.60 21.36 8.69
CA ILE B 174 2.61 21.37 8.68
C ILE B 174 3.71 22.36 8.34
N ASP B 175 3.81 22.73 7.07
CA ASP B 175 4.83 23.69 6.57
CA ASP B 175 4.85 23.68 6.61
C ASP B 175 4.69 24.99 7.38
N GLY B 176 5.83 25.61 7.71
CA GLY B 176 5.87 26.89 8.42
C GLY B 176 5.63 26.73 9.91
N THR B 177 5.64 25.49 10.41
CA THR B 177 5.59 25.17 11.85
C THR B 177 6.65 24.13 12.20
N ASP B 178 6.78 23.86 13.49
CA ASP B 178 7.67 22.84 14.07
C ASP B 178 7.01 21.45 14.06
N ILE B 179 5.80 21.33 13.50
CA ILE B 179 4.89 20.19 13.82
C ILE B 179 4.90 19.18 12.67
N ALA B 180 5.01 17.91 13.03
CA ALA B 180 4.67 16.80 12.12
C ALA B 180 3.79 15.83 12.87
N PHE B 181 2.84 15.26 12.15
CA PHE B 181 1.81 14.35 12.70
C PHE B 181 2.10 12.93 12.23
N GLY B 182 2.44 12.06 13.17
CA GLY B 182 2.74 10.65 12.90
C GLY B 182 1.51 9.77 12.99
N GLY B 183 0.38 10.29 13.45
CA GLY B 183 -0.83 9.47 13.64
C GLY B 183 -0.52 8.27 14.50
N CYS B 184 -1.02 7.10 14.11
CA CYS B 184 -0.88 5.91 14.97
C CYS B 184 0.43 5.18 14.72
N LEU B 185 1.19 5.59 13.72
CA LEU B 185 2.51 4.98 13.46
C LEU B 185 3.45 5.24 14.64
N ILE B 186 3.40 6.44 15.20
CA ILE B 186 4.38 6.87 16.23
C ILE B 186 3.73 6.76 17.60
N LYS B 187 4.46 6.18 18.56
CA LYS B 187 4.05 6.08 19.97
C LYS B 187 5.01 6.91 20.80
N ASP B 188 4.63 7.15 22.05
CA ASP B 188 5.34 8.06 22.98
C ASP B 188 6.75 7.51 23.26
N SER B 189 7.67 8.40 23.58
CA SER B 189 9.09 8.02 23.83
C SER B 189 9.25 7.26 25.14
N LYS B 190 8.24 7.17 26.02
CA LYS B 190 8.31 6.34 27.24
C LYS B 190 7.53 5.04 27.07
N ALA B 191 6.97 4.79 25.89
CA ALA B 191 6.02 3.67 25.71
C ALA B 191 6.73 2.35 25.95
N LYS B 192 6.02 1.36 26.47
CA LYS B 192 6.55 -0.02 26.55
C LYS B 192 6.17 -0.77 25.27
N SER B 193 5.12 -0.32 24.56
CA SER B 193 4.55 -1.06 23.40
C SER B 193 4.12 -0.10 22.29
N LEU B 194 3.83 -0.70 21.13
CA LEU B 194 3.38 0.01 19.91
C LEU B 194 1.86 0.00 19.81
N GLY B 195 1.14 -0.22 20.91
CA GLY B 195 -0.33 -0.14 20.90
C GLY B 195 -0.91 -1.26 20.06
N ASN B 196 -1.94 -0.97 19.25
CA ASN B 196 -2.68 -2.02 18.51
C ASN B 196 -1.84 -2.44 17.29
N LEU B 197 -1.33 -3.66 17.31
CA LEU B 197 -0.52 -4.23 16.19
C LEU B 197 -1.37 -5.20 15.37
N GLY B 198 -2.69 -5.23 15.59
CA GLY B 198 -3.59 -6.17 14.92
C GLY B 198 -3.45 -6.14 13.41
N ASP B 199 -3.26 -4.95 12.84
CA ASP B 199 -3.22 -4.75 11.37
C ASP B 199 -1.81 -4.34 10.93
N ALA B 200 -0.84 -4.50 11.82
CA ALA B 200 0.52 -3.96 11.60
C ALA B 200 1.33 -4.85 10.66
N ASP B 201 2.31 -4.21 10.05
CA ASP B 201 3.37 -4.87 9.25
C ASP B 201 4.62 -4.93 10.13
N THR B 202 4.85 -6.06 10.78
CA THR B 202 5.95 -6.20 11.76
C THR B 202 7.31 -6.11 11.06
N GLU B 203 7.43 -6.53 9.80
CA GLU B 203 8.74 -6.52 9.10
C GLU B 203 9.16 -5.08 8.83
N HIS B 204 8.24 -4.26 8.31
CA HIS B 204 8.59 -2.95 7.71
C HIS B 204 8.38 -1.78 8.68
N TYR B 205 7.78 -2.05 9.85
CA TYR B 205 7.36 -0.98 10.79
C TYR B 205 8.56 -0.07 11.10
N ALA B 206 9.70 -0.63 11.51
CA ALA B 206 10.81 0.21 11.99
C ALA B 206 11.28 1.15 10.87
N ALA B 207 11.42 0.60 9.66
CA ALA B 207 11.85 1.41 8.50
C ALA B 207 10.83 2.50 8.22
N SER B 208 9.54 2.20 8.34
CA SER B 208 8.49 3.20 8.09
C SER B 208 8.57 4.34 9.13
N ALA B 209 8.77 4.00 10.39
CA ALA B 209 8.93 5.02 11.44
C ALA B 209 10.14 5.91 11.13
N ARG B 210 11.25 5.29 10.73
CA ARG B 210 12.47 6.09 10.43
C ARG B 210 12.21 6.93 9.17
N ALA B 211 11.44 6.41 8.22
CA ALA B 211 11.15 7.18 6.97
C ALA B 211 10.33 8.42 7.32
N PHE B 212 9.38 8.31 8.24
CA PHE B 212 8.62 9.48 8.73
C PHE B 212 9.58 10.52 9.29
N GLY B 213 10.53 10.10 10.14
CA GLY B 213 11.51 11.04 10.72
C GLY B 213 12.29 11.75 9.62
N ALA B 214 12.74 10.99 8.61
CA ALA B 214 13.60 11.56 7.55
C ALA B 214 12.77 12.45 6.62
N ALA B 215 11.47 12.22 6.49
CA ALA B 215 10.58 13.05 5.63
C ALA B 215 10.44 14.45 6.23
N PHE B 216 10.41 14.54 7.54
CA PHE B 216 10.19 15.81 8.27
C PHE B 216 11.36 16.03 9.20
N PRO B 217 12.59 16.24 8.66
CA PRO B 217 13.81 16.11 9.46
C PRO B 217 13.97 17.23 10.48
N LYS B 218 13.29 18.36 10.31
CA LYS B 218 13.42 19.56 11.17
C LYS B 218 12.27 19.65 12.17
N ALA B 219 11.21 18.83 12.03
CA ALA B 219 10.06 18.92 12.93
C ALA B 219 10.52 18.61 14.35
N SER B 220 10.19 19.46 15.32
CA SER B 220 10.60 19.29 16.73
C SER B 220 9.41 18.90 17.60
N MET B 221 8.20 19.11 17.12
CA MET B 221 6.98 18.72 17.85
C MET B 221 6.29 17.60 17.07
N ILE B 222 6.31 16.40 17.63
CA ILE B 222 5.74 15.21 16.97
C ILE B 222 4.40 14.91 17.64
N VAL B 223 3.35 15.07 16.88
CA VAL B 223 1.96 14.83 17.33
C VAL B 223 1.59 13.42 16.91
N MET B 224 0.93 12.70 17.77
CA MET B 224 0.56 11.30 17.44
CA MET B 224 0.60 11.26 17.58
C MET B 224 -0.84 11.01 17.99
N SER B 225 -1.38 9.87 17.61
CA SER B 225 -2.81 9.59 17.88
C SER B 225 -3.06 9.37 19.37
N HIS B 226 -2.20 8.66 20.09
CA HIS B 226 -2.64 8.07 21.38
C HIS B 226 -1.82 8.55 22.57
N SER B 227 -1.08 9.64 22.41
CA SER B 227 -0.35 10.28 23.52
CA SER B 227 -0.25 10.26 23.47
C SER B 227 -0.15 11.75 23.18
N ALA B 228 0.19 12.54 24.18
CA ALA B 228 0.41 13.99 24.03
C ALA B 228 1.60 14.23 23.12
N PRO B 229 1.69 15.43 22.53
CA PRO B 229 2.84 15.76 21.69
C PRO B 229 4.16 15.47 22.42
N ASP B 230 5.12 15.01 21.64
CA ASP B 230 6.47 14.65 22.15
C ASP B 230 7.50 15.32 21.25
N SER B 231 8.76 15.12 21.59
CA SER B 231 9.92 15.48 20.76
C SER B 231 10.17 14.41 19.71
N ARG B 232 11.24 14.59 18.95
CA ARG B 232 11.68 13.59 17.97
C ARG B 232 12.06 12.28 18.66
N ALA B 233 12.28 12.27 19.97
CA ALA B 233 12.56 11.04 20.72
C ALA B 233 11.44 10.01 20.45
N ALA B 234 10.22 10.45 20.23
CA ALA B 234 9.10 9.50 19.97
C ALA B 234 9.38 8.71 18.69
N ILE B 235 10.00 9.34 17.70
CA ILE B 235 10.29 8.65 16.41
C ILE B 235 11.33 7.56 16.63
N THR B 236 12.44 7.91 17.26
CA THR B 236 13.58 6.96 17.43
C THR B 236 13.17 5.88 18.43
N HIS B 237 12.38 6.21 19.44
CA HIS B 237 11.91 5.18 20.40
C HIS B 237 10.95 4.24 19.69
N THR B 238 10.02 4.77 18.90
CA THR B 238 9.08 3.92 18.13
C THR B 238 9.90 2.96 17.26
N ALA B 239 10.90 3.47 16.55
CA ALA B 239 11.69 2.60 15.64
C ALA B 239 12.41 1.52 16.44
N ARG B 240 12.94 1.88 17.61
CA ARG B 240 13.67 0.91 18.46
C ARG B 240 12.72 -0.17 18.94
N MET B 241 11.50 0.19 19.35
CA MET B 241 10.49 -0.83 19.71
C MET B 241 10.17 -1.69 18.50
N ALA B 242 9.96 -1.07 17.34
CA ALA B 242 9.55 -1.80 16.13
C ALA B 242 10.67 -2.75 15.68
N ASP B 243 11.92 -2.42 15.95
CA ASP B 243 13.06 -3.29 15.59
C ASP B 243 12.87 -4.67 16.25
N LYS B 244 12.26 -4.70 17.42
CA LYS B 244 12.09 -5.95 18.21
C LYS B 244 11.01 -6.84 17.61
N LEU B 245 10.20 -6.33 16.68
CA LEU B 245 9.07 -7.10 16.07
C LEU B 245 9.61 -8.05 15.00
N ARG B 246 10.81 -7.79 14.49
CA ARG B 246 11.33 -8.43 13.23
C ARG B 246 11.87 -9.82 13.55
ZN ZN C . 6.00 -13.20 -2.92
ZN ZN D . 5.93 -16.08 -4.97
ZN ZN E . 9.59 -9.17 3.47
S SO4 F . -17.44 -18.16 -2.02
O1 SO4 F . -16.52 -18.80 -1.13
O2 SO4 F . -16.81 -16.98 -2.58
O3 SO4 F . -17.76 -19.05 -3.11
O4 SO4 F . -18.63 -17.78 -1.32
S SO4 G . 7.42 7.58 -12.44
O1 SO4 G . 8.66 7.23 -11.82
O2 SO4 G . 6.90 8.82 -11.90
O3 SO4 G . 7.62 7.72 -13.87
O4 SO4 G . 6.47 6.53 -12.21
S SO4 H . -11.35 -10.49 -18.35
O1 SO4 H . -10.44 -9.45 -17.93
O2 SO4 H . -10.60 -11.64 -18.87
O3 SO4 H . -12.20 -9.99 -19.41
O4 SO4 H . -12.19 -10.88 -17.27
O4 NO9 I . 4.07 -18.36 -1.99
C5 NO9 I . 4.96 -17.76 -2.60
O5 NO9 I . 4.71 -16.76 -3.42
C2 NO9 I . 6.36 -18.11 -2.52
C4 NO9 I . 6.86 -19.47 -2.53
C7 NO9 I . 6.15 -20.79 -2.63
O1 NO9 I . 8.23 -19.45 -2.49
C3 NO9 I . 8.68 -18.12 -2.43
C6 NO9 I . 10.17 -17.98 -2.35
C1 NO9 I . 7.53 -17.23 -2.49
S NO9 I . 7.51 -15.56 -2.38
O2 NO9 I . 8.93 -15.22 -2.12
O3 NO9 I . 6.73 -15.31 -1.23
N1 NO9 I . 6.96 -14.87 -3.67
ZN ZN J . -5.07 2.41 13.67
ZN ZN K . -4.83 4.48 16.52
ZN ZN L . -8.33 -4.53 10.18
S SO4 M . 2.37 1.71 26.83
O1 SO4 M . 3.42 2.36 27.57
O2 SO4 M . 1.52 2.71 26.21
O3 SO4 M . 2.93 0.87 25.81
O4 SO4 M . 1.57 0.92 27.73
O4 NO9 N . -3.36 3.07 16.99
C5 NO9 N . -3.42 2.31 17.96
O5 NO9 N . -2.36 1.76 18.52
C2 NO9 N . -4.73 2.04 18.55
C4 NO9 N . -5.00 2.04 19.97
C7 NO9 N . -4.14 2.26 21.17
O1 NO9 N . -6.35 1.79 20.16
C3 NO9 N . -6.97 1.64 18.94
C6 NO9 N . -8.43 1.33 18.96
C1 NO9 N . -6.00 1.82 17.85
S NO9 N . -6.19 1.64 16.21
O2 NO9 N . -7.59 1.28 16.03
O3 NO9 N . -5.26 0.57 15.84
N1 NO9 N . -5.88 2.99 15.46
#